data_7C9J
#
_entry.id   7C9J
#
_cell.length_a   94.090
_cell.length_b   94.090
_cell.length_c   158.140
_cell.angle_alpha   90.00
_cell.angle_beta   90.00
_cell.angle_gamma   120.00
#
_symmetry.space_group_name_H-M   'H 3 2'
#
loop_
_entity.id
_entity.type
_entity.pdbx_description
1 polymer 'Protein-glutamine gamma-glutamyltransferase'
2 non-polymer 1,2-ETHANEDIOL
3 non-polymer 'CITRIC ACID'
4 water water
#
_entity_poly.entity_id   1
_entity_poly.type   'polypeptide(L)'
_entity_poly.pdbx_seq_one_letter_code
;MIRILSSPSGFHVSGSSSLPPNEQRILHALVSSPELYTYPNEQQLLFEIKLRSQIVQASVDLAKSRAQFAIFRFSRCNSQ
FWLRDERGGFQLRPDVLPSDAINDIFVNSELYAFE(CSD)ATAIVIVFYKAVLEGIDVSAFNRLFAHLLLYDWHTDKDLG
IETKKGEHFLPGDCLYFKNPDVDPLTPQWQGENTIYLGDGLFYGHGIGIETADSIIAALNRRRKQWATKSAYLLPHITQM
NFAYLSQFARLEHHHHHH
;
_entity_poly.pdbx_strand_id   A
#
# COMPACT_ATOMS: atom_id res chain seq x y z
N PRO A 40 -9.12 -23.88 5.48
CA PRO A 40 -9.50 -22.90 4.45
C PRO A 40 -10.68 -23.34 3.56
N ASN A 41 -11.66 -22.45 3.48
CA ASN A 41 -12.80 -22.65 2.61
C ASN A 41 -12.39 -22.47 1.14
N GLU A 42 -13.12 -23.14 0.25
CA GLU A 42 -12.82 -23.00 -1.16
CA GLU A 42 -12.88 -23.02 -1.19
C GLU A 42 -13.16 -21.60 -1.67
N GLN A 43 -14.23 -20.98 -1.15
CA GLN A 43 -14.56 -19.63 -1.58
C GLN A 43 -13.49 -18.64 -1.16
N GLN A 44 -12.92 -18.82 0.03
CA GLN A 44 -11.90 -17.93 0.55
C GLN A 44 -10.54 -18.19 -0.10
N LEU A 45 -10.24 -19.44 -0.41
CA LEU A 45 -9.03 -19.76 -1.17
C LEU A 45 -9.02 -19.04 -2.52
N LEU A 46 -10.17 -19.04 -3.21
CA LEU A 46 -10.30 -18.42 -4.51
C LEU A 46 -10.38 -16.90 -4.41
N PHE A 47 -11.10 -16.39 -3.41
CA PHE A 47 -11.10 -14.95 -3.17
C PHE A 47 -9.69 -14.42 -3.02
N GLU A 48 -8.86 -15.12 -2.25
CA GLU A 48 -7.51 -14.64 -1.96
C GLU A 48 -6.67 -14.52 -3.24
N ILE A 49 -6.67 -15.55 -4.09
CA ILE A 49 -5.81 -15.45 -5.28
C ILE A 49 -6.36 -14.40 -6.25
N LYS A 50 -7.69 -14.25 -6.34
CA LYS A 50 -8.25 -13.17 -7.16
C LYS A 50 -7.89 -11.79 -6.59
N LEU A 51 -7.90 -11.64 -5.27
CA LEU A 51 -7.54 -10.34 -4.71
C LEU A 51 -6.08 -9.99 -4.95
N ARG A 52 -5.18 -10.98 -4.85
CA ARG A 52 -3.76 -10.76 -5.19
C ARG A 52 -3.60 -10.17 -6.58
N SER A 53 -4.39 -10.65 -7.55
CA SER A 53 -4.33 -10.09 -8.89
CA SER A 53 -4.35 -10.09 -8.89
C SER A 53 -4.78 -8.62 -8.89
N GLN A 54 -5.79 -8.27 -8.08
CA GLN A 54 -6.21 -6.88 -8.01
CA GLN A 54 -6.23 -6.89 -7.98
C GLN A 54 -5.21 -6.02 -7.24
N ILE A 55 -4.44 -6.60 -6.31
CA ILE A 55 -3.38 -5.84 -5.64
C ILE A 55 -2.27 -5.48 -6.62
N VAL A 56 -1.88 -6.44 -7.47
CA VAL A 56 -0.84 -6.17 -8.47
C VAL A 56 -1.32 -5.12 -9.46
N GLN A 57 -2.57 -5.23 -9.91
CA GLN A 57 -3.13 -4.24 -10.80
C GLN A 57 -3.11 -2.85 -10.16
N ALA A 58 -3.53 -2.76 -8.89
CA ALA A 58 -3.55 -1.47 -8.22
C ALA A 58 -2.15 -0.89 -8.08
N SER A 59 -1.15 -1.75 -7.82
CA SER A 59 0.24 -1.31 -7.74
C SER A 59 0.72 -0.72 -9.06
N VAL A 60 0.45 -1.42 -10.16
CA VAL A 60 0.84 -0.95 -11.50
C VAL A 60 0.17 0.38 -11.79
N ASP A 61 -1.12 0.50 -11.45
CA ASP A 61 -1.85 1.75 -11.67
C ASP A 61 -1.23 2.90 -10.90
N LEU A 62 -0.89 2.66 -9.63
CA LEU A 62 -0.33 3.75 -8.83
C LEU A 62 1.09 4.07 -9.29
N ALA A 63 1.85 3.04 -9.68
CA ALA A 63 3.21 3.23 -10.17
C ALA A 63 3.25 4.12 -11.41
N LYS A 64 2.24 4.02 -12.28
CA LYS A 64 2.27 4.85 -13.48
C LYS A 64 1.45 6.13 -13.31
N SER A 65 0.89 6.37 -12.13
CA SER A 65 0.19 7.61 -11.85
C SER A 65 1.18 8.76 -11.66
N ARG A 66 0.62 9.96 -11.50
CA ARG A 66 1.39 11.17 -11.23
C ARG A 66 1.56 11.46 -9.74
N ALA A 67 1.20 10.51 -8.87
CA ALA A 67 1.36 10.75 -7.44
C ALA A 67 2.83 10.83 -7.06
N GLN A 68 3.15 11.75 -6.16
CA GLN A 68 4.54 12.03 -5.81
C GLN A 68 4.93 11.39 -4.48
N PHE A 69 6.23 11.20 -4.29
CA PHE A 69 6.72 10.84 -2.97
C PHE A 69 6.85 12.10 -2.12
N ALA A 70 6.34 12.03 -0.89
CA ALA A 70 6.63 13.04 0.13
C ALA A 70 6.68 12.37 1.49
N ILE A 71 7.45 12.99 2.39
CA ILE A 71 7.38 12.59 3.79
C ILE A 71 6.09 13.14 4.40
N PHE A 72 5.69 12.54 5.53
CA PHE A 72 4.42 12.91 6.17
C PHE A 72 4.32 14.41 6.41
N ARG A 73 5.42 15.02 6.85
CA ARG A 73 5.43 16.45 7.14
C ARG A 73 4.93 17.29 5.96
N PHE A 74 5.17 16.84 4.73
CA PHE A 74 4.83 17.58 3.51
C PHE A 74 3.82 16.84 2.64
N SER A 75 3.04 15.94 3.20
CA SER A 75 2.11 15.16 2.41
C SER A 75 1.02 16.08 1.84
N ARG A 76 0.43 15.68 0.70
CA ARG A 76 -0.61 16.46 0.03
CA ARG A 76 -0.67 16.45 0.15
C ARG A 76 -1.71 15.53 -0.45
N CYS A 77 -2.95 16.02 -0.47
CA CYS A 77 -4.09 15.22 -0.90
C CYS A 77 -5.10 16.16 -1.52
N ASN A 78 -6.08 15.59 -2.23
CA ASN A 78 -7.13 16.39 -2.84
C ASN A 78 -8.15 16.77 -1.77
N SER A 79 -8.28 18.08 -1.48
CA SER A 79 -9.19 18.54 -0.41
C SER A 79 -10.67 18.33 -0.76
N GLN A 80 -10.99 17.96 -2.00
CA GLN A 80 -12.37 17.56 -2.28
C GLN A 80 -12.77 16.31 -1.51
N PHE A 81 -11.80 15.51 -1.09
CA PHE A 81 -12.12 14.24 -0.49
C PHE A 81 -11.51 14.04 0.88
N TRP A 82 -10.34 14.62 1.10
CA TRP A 82 -9.51 14.26 2.24
C TRP A 82 -9.08 15.50 2.99
N LEU A 83 -8.96 15.37 4.31
CA LEU A 83 -8.38 16.41 5.15
C LEU A 83 -7.06 15.91 5.70
N ARG A 84 -6.01 16.72 5.55
CA ARG A 84 -4.72 16.38 6.10
C ARG A 84 -4.75 16.58 7.61
N ASP A 85 -4.37 15.55 8.37
CA ASP A 85 -4.48 15.66 9.83
C ASP A 85 -3.17 16.16 10.45
N GLU A 86 -3.14 16.23 11.78
CA GLU A 86 -2.00 16.85 12.48
C GLU A 86 -0.68 16.13 12.18
N ARG A 87 -0.72 14.84 11.91
CA ARG A 87 0.48 14.05 11.65
C ARG A 87 0.79 13.88 10.17
N GLY A 88 -0.01 14.43 9.28
CA GLY A 88 0.20 14.24 7.86
C GLY A 88 -0.53 13.07 7.25
N GLY A 89 -1.36 12.36 8.00
CA GLY A 89 -2.24 11.36 7.41
C GLY A 89 -3.39 12.03 6.67
N PHE A 90 -4.09 11.24 5.84
CA PHE A 90 -5.25 11.72 5.10
C PHE A 90 -6.53 11.21 5.76
N GLN A 91 -7.36 12.15 6.23
CA GLN A 91 -8.60 11.85 6.92
C GLN A 91 -9.77 12.04 5.96
N LEU A 92 -10.54 10.98 5.75
CA LEU A 92 -11.70 11.09 4.86
C LEU A 92 -12.65 12.17 5.36
N ARG A 93 -13.13 13.01 4.44
CA ARG A 93 -14.15 13.97 4.80
C ARG A 93 -15.43 13.26 5.18
N PRO A 94 -16.27 13.88 6.03
CA PRO A 94 -17.52 13.22 6.47
C PRO A 94 -18.64 13.23 5.44
N ASP A 95 -18.46 13.89 4.31
CA ASP A 95 -19.55 14.10 3.37
C ASP A 95 -19.22 13.54 1.99
N VAL A 96 -18.36 12.52 1.90
CA VAL A 96 -17.96 11.90 0.64
C VAL A 96 -18.01 10.39 0.81
N LEU A 97 -18.04 9.69 -0.32
CA LEU A 97 -18.00 8.23 -0.26
C LEU A 97 -16.57 7.72 -0.23
N PRO A 98 -16.28 6.74 0.64
CA PRO A 98 -14.97 6.07 0.60
C PRO A 98 -14.56 5.60 -0.78
N SER A 99 -15.50 5.02 -1.53
CA SER A 99 -15.17 4.48 -2.85
C SER A 99 -14.71 5.57 -3.81
N ASP A 100 -15.40 6.72 -3.81
CA ASP A 100 -14.99 7.83 -4.67
C ASP A 100 -13.63 8.38 -4.24
N ALA A 101 -13.39 8.44 -2.93
CA ALA A 101 -12.16 9.05 -2.43
C ALA A 101 -10.94 8.22 -2.75
N ILE A 102 -11.04 6.90 -2.58
CA ILE A 102 -9.94 6.00 -2.92
C ILE A 102 -9.69 6.05 -4.41
N ASN A 103 -10.77 5.94 -5.20
CA ASN A 103 -10.61 6.01 -6.64
C ASN A 103 -10.00 7.33 -7.06
N ASP A 104 -10.31 8.42 -6.35
CA ASP A 104 -9.78 9.73 -6.71
C ASP A 104 -8.26 9.79 -6.63
N ILE A 105 -7.65 8.99 -5.76
CA ILE A 105 -6.19 8.98 -5.65
C ILE A 105 -5.56 8.56 -6.97
N PHE A 106 -6.29 7.77 -7.76
CA PHE A 106 -5.84 7.32 -9.06
C PHE A 106 -6.31 8.22 -10.19
N VAL A 107 -7.41 8.97 -9.99
CA VAL A 107 -7.92 9.88 -11.01
C VAL A 107 -7.20 11.22 -10.94
N ASN A 108 -7.11 11.80 -9.75
CA ASN A 108 -6.44 13.07 -9.53
C ASN A 108 -5.10 12.86 -8.85
N SER A 109 -4.37 11.85 -9.30
CA SER A 109 -3.12 11.45 -8.65
C SER A 109 -2.13 12.61 -8.53
N GLU A 110 -2.23 13.58 -9.45
CA GLU A 110 -1.32 14.71 -9.42
CA GLU A 110 -1.40 14.78 -9.45
C GLU A 110 -1.49 15.55 -8.15
N LEU A 111 -2.60 15.44 -7.45
CA LEU A 111 -2.87 16.19 -6.25
C LEU A 111 -2.38 15.52 -4.99
N TYR A 112 -1.72 14.37 -5.10
CA TYR A 112 -1.38 13.58 -3.92
C TYR A 112 0.11 13.38 -3.83
N ALA A 113 0.63 13.51 -2.61
CA ALA A 113 2.01 13.16 -2.32
C ALA A 113 2.05 12.49 -0.96
N PHE A 114 2.71 11.34 -0.86
CA PHE A 114 2.66 10.54 0.36
C PHE A 114 3.88 9.64 0.43
N GLU A 115 4.03 9.01 1.59
CA GLU A 115 5.13 8.12 1.93
C GLU A 115 4.96 6.78 1.29
N ALA A 117 5.10 4.04 2.86
CA ALA A 117 4.24 3.22 3.75
C ALA A 117 2.74 3.46 3.46
N THR A 118 2.40 4.71 3.17
CA THR A 118 1.01 5.06 2.85
C THR A 118 0.59 4.46 1.51
N ALA A 119 1.51 4.39 0.54
CA ALA A 119 1.19 3.77 -0.74
C ALA A 119 0.72 2.34 -0.57
N ILE A 120 1.27 1.62 0.42
CA ILE A 120 0.84 0.24 0.64
C ILE A 120 -0.65 0.19 0.97
N VAL A 121 -1.08 1.01 1.91
CA VAL A 121 -2.49 0.98 2.30
C VAL A 121 -3.39 1.47 1.15
N ILE A 122 -2.93 2.44 0.37
CA ILE A 122 -3.70 2.92 -0.78
C ILE A 122 -3.94 1.80 -1.79
N VAL A 123 -2.89 1.03 -2.11
CA VAL A 123 -3.01 -0.04 -3.09
C VAL A 123 -3.92 -1.15 -2.55
N PHE A 124 -3.81 -1.46 -1.26
CA PHE A 124 -4.66 -2.47 -0.64
C PHE A 124 -6.13 -2.07 -0.71
N TYR A 125 -6.45 -0.82 -0.36
CA TYR A 125 -7.84 -0.39 -0.40
C TYR A 125 -8.38 -0.36 -1.83
N LYS A 126 -7.55 0.09 -2.79
CA LYS A 126 -7.95 0.08 -4.20
C LYS A 126 -8.25 -1.33 -4.66
N ALA A 127 -7.41 -2.30 -4.26
CA ALA A 127 -7.68 -3.69 -4.66
C ALA A 127 -8.95 -4.21 -4.03
N VAL A 128 -9.14 -3.94 -2.73
CA VAL A 128 -10.38 -4.34 -2.05
C VAL A 128 -11.60 -3.69 -2.70
N LEU A 129 -11.47 -2.42 -3.11
CA LEU A 129 -12.58 -1.76 -3.79
C LEU A 129 -13.00 -2.52 -5.04
N GLU A 130 -12.03 -3.05 -5.79
CA GLU A 130 -12.36 -3.82 -6.97
C GLU A 130 -12.90 -5.21 -6.66
N GLY A 131 -12.61 -5.75 -5.47
CA GLY A 131 -12.99 -7.12 -5.18
C GLY A 131 -14.24 -7.35 -4.33
N ILE A 132 -14.75 -6.33 -3.63
CA ILE A 132 -15.92 -6.48 -2.76
C ILE A 132 -17.03 -5.54 -3.21
N ASP A 133 -18.23 -5.79 -2.69
CA ASP A 133 -19.37 -4.97 -3.05
C ASP A 133 -19.14 -3.52 -2.59
N VAL A 134 -19.43 -2.57 -3.48
CA VAL A 134 -19.13 -1.18 -3.14
C VAL A 134 -19.97 -0.72 -1.96
N SER A 135 -21.21 -1.21 -1.81
CA SER A 135 -22.00 -0.79 -0.65
C SER A 135 -21.36 -1.29 0.64
N ALA A 136 -20.81 -2.51 0.64
CA ALA A 136 -20.07 -2.96 1.82
C ALA A 136 -18.81 -2.11 2.01
N PHE A 137 -18.13 -1.77 0.90
CA PHE A 137 -16.95 -0.91 0.98
C PHE A 137 -17.29 0.39 1.70
N ASN A 138 -18.35 1.06 1.26
CA ASN A 138 -18.64 2.38 1.82
C ASN A 138 -19.20 2.30 3.23
N ARG A 139 -19.79 1.16 3.61
CA ARG A 139 -20.19 1.00 5.01
C ARG A 139 -18.99 0.70 5.88
N LEU A 140 -18.15 -0.26 5.46
CA LEU A 140 -17.08 -0.76 6.33
C LEU A 140 -15.98 0.28 6.56
N PHE A 141 -15.72 1.14 5.58
CA PHE A 141 -14.54 2.01 5.58
C PHE A 141 -14.95 3.48 5.67
N ALA A 142 -16.04 3.74 6.41
CA ALA A 142 -16.75 5.02 6.37
C ALA A 142 -15.94 6.18 6.94
N HIS A 143 -15.03 5.96 7.87
N HIS A 143 -15.03 5.91 7.87
CA HIS A 143 -14.24 7.11 8.29
CA HIS A 143 -14.21 6.92 8.52
C HIS A 143 -12.77 6.77 8.17
C HIS A 143 -12.73 6.75 8.19
N LEU A 144 -12.43 6.31 6.97
CA LEU A 144 -11.08 5.90 6.63
C LEU A 144 -10.04 7.00 6.88
N LEU A 145 -8.95 6.59 7.50
CA LEU A 145 -7.81 7.46 7.83
C LEU A 145 -6.56 6.76 7.28
N LEU A 146 -5.87 7.39 6.34
CA LEU A 146 -4.71 6.78 5.67
C LEU A 146 -3.43 7.30 6.31
N TYR A 147 -2.68 6.42 6.99
CA TYR A 147 -1.34 6.77 7.44
C TYR A 147 -0.32 5.70 7.06
N ASP A 148 -0.42 4.52 7.68
CA ASP A 148 0.44 3.41 7.34
C ASP A 148 -0.29 2.14 7.73
N TRP A 149 0.31 0.99 7.41
CA TRP A 149 -0.42 -0.25 7.67
C TRP A 149 -0.57 -0.52 9.16
N HIS A 150 0.32 0.01 9.99
CA HIS A 150 0.19 -0.17 11.44
C HIS A 150 -1.03 0.55 12.01
N THR A 151 -1.43 1.68 11.44
CA THR A 151 -2.56 2.41 11.99
C THR A 151 -3.88 1.96 11.38
N ASP A 152 -3.86 1.20 10.30
CA ASP A 152 -5.10 0.72 9.72
C ASP A 152 -5.79 -0.24 10.68
N LYS A 153 -7.12 -0.19 10.70
CA LYS A 153 -7.87 -1.20 11.43
C LYS A 153 -8.76 -2.04 10.55
N ASP A 154 -9.33 -1.46 9.50
CA ASP A 154 -10.47 -2.09 8.84
C ASP A 154 -10.07 -3.31 8.04
N LEU A 155 -8.79 -3.44 7.65
CA LEU A 155 -8.42 -4.52 6.74
C LEU A 155 -7.83 -5.74 7.42
N GLY A 156 -7.60 -5.69 8.74
CA GLY A 156 -7.00 -6.84 9.39
C GLY A 156 -5.57 -7.09 8.99
N ILE A 157 -4.81 -6.03 8.69
CA ILE A 157 -3.44 -6.20 8.23
C ILE A 157 -2.56 -6.69 9.38
N GLU A 158 -1.82 -7.77 9.14
CA GLU A 158 -0.87 -8.29 10.11
C GLU A 158 0.39 -8.75 9.41
N THR A 159 1.51 -8.73 10.14
CA THR A 159 2.79 -9.19 9.62
C THR A 159 3.16 -10.53 10.28
N LYS A 160 3.71 -11.44 9.47
CA LYS A 160 4.13 -12.73 9.97
C LYS A 160 5.56 -13.00 9.53
N LYS A 161 6.26 -13.84 10.28
CA LYS A 161 7.59 -14.28 9.87
C LYS A 161 7.45 -15.25 8.70
N GLY A 162 8.27 -15.07 7.67
CA GLY A 162 8.24 -15.94 6.51
C GLY A 162 9.00 -15.40 5.31
N GLU A 163 9.50 -16.31 4.48
CA GLU A 163 10.22 -15.92 3.28
C GLU A 163 9.51 -16.32 2.00
N HIS A 164 8.42 -17.08 2.08
CA HIS A 164 7.70 -17.53 0.89
C HIS A 164 6.55 -16.57 0.58
N PHE A 165 6.93 -15.35 0.18
CA PHE A 165 5.96 -14.34 -0.20
C PHE A 165 5.38 -14.57 -1.60
N LEU A 166 4.14 -14.11 -1.80
CA LEU A 166 3.42 -14.24 -3.05
C LEU A 166 3.11 -12.87 -3.64
N PRO A 167 2.81 -12.78 -4.94
CA PRO A 167 2.39 -11.50 -5.51
C PRO A 167 1.27 -10.88 -4.69
N GLY A 168 1.35 -9.56 -4.50
CA GLY A 168 0.42 -8.85 -3.66
C GLY A 168 0.83 -8.71 -2.21
N ASP A 169 1.80 -9.48 -1.75
CA ASP A 169 2.30 -9.31 -0.39
C ASP A 169 3.13 -8.04 -0.26
N CYS A 170 3.15 -7.47 0.96
CA CYS A 170 3.95 -6.30 1.27
C CYS A 170 5.24 -6.77 1.90
N LEU A 171 6.36 -6.34 1.33
CA LEU A 171 7.70 -6.70 1.82
C LEU A 171 8.47 -5.43 2.14
N TYR A 172 9.27 -5.49 3.19
CA TYR A 172 10.04 -4.35 3.66
C TYR A 172 11.54 -4.62 3.45
N PHE A 173 12.21 -3.72 2.75
CA PHE A 173 13.66 -3.70 2.61
C PHE A 173 14.23 -2.73 3.64
N LYS A 174 14.97 -3.24 4.61
CA LYS A 174 15.57 -2.40 5.65
C LYS A 174 16.97 -1.97 5.25
N ASN A 175 17.27 -0.68 5.46
CA ASN A 175 18.58 -0.08 5.15
C ASN A 175 19.20 0.35 6.46
N PRO A 176 19.76 -0.58 7.22
CA PRO A 176 20.07 -0.30 8.63
C PRO A 176 21.15 0.74 8.83
N ASP A 177 21.97 1.00 7.81
CA ASP A 177 23.06 1.97 7.91
C ASP A 177 22.72 3.24 7.14
N VAL A 178 21.44 3.65 7.20
CA VAL A 178 21.00 4.81 6.43
C VAL A 178 21.77 6.07 6.83
N ASP A 179 21.97 6.92 5.85
CA ASP A 179 22.45 8.28 6.07
C ASP A 179 21.50 9.02 7.02
N PRO A 180 21.99 9.48 8.19
CA PRO A 180 21.13 10.31 9.05
C PRO A 180 20.73 11.64 8.41
N LEU A 181 21.46 12.10 7.39
CA LEU A 181 21.03 13.26 6.62
C LEU A 181 19.60 13.06 6.11
N THR A 182 19.36 11.95 5.43
CA THR A 182 18.12 11.65 4.74
C THR A 182 17.45 10.43 5.35
N PRO A 183 16.69 10.58 6.44
CA PRO A 183 16.01 9.41 7.02
C PRO A 183 14.91 8.84 6.13
N GLN A 184 14.56 9.49 5.02
CA GLN A 184 13.63 8.89 4.07
C GLN A 184 14.05 7.50 3.61
N TRP A 185 15.32 7.14 3.80
CA TRP A 185 15.85 5.89 3.25
C TRP A 185 16.20 4.88 4.34
N GLN A 186 15.55 4.96 5.52
CA GLN A 186 15.67 3.87 6.47
C GLN A 186 15.31 2.54 5.83
N GLY A 187 14.41 2.57 4.85
CA GLY A 187 13.91 1.37 4.20
C GLY A 187 12.86 1.73 3.18
N GLU A 188 12.34 0.70 2.52
CA GLU A 188 11.30 0.86 1.51
C GLU A 188 10.25 -0.24 1.69
N ASN A 189 8.99 0.18 1.91
CA ASN A 189 7.85 -0.71 1.79
C ASN A 189 7.56 -0.94 0.31
N THR A 190 7.32 -2.21 -0.07
CA THR A 190 7.07 -2.60 -1.46
C THR A 190 5.95 -3.61 -1.55
N ILE A 191 5.42 -3.80 -2.75
CA ILE A 191 4.48 -4.89 -3.08
C ILE A 191 5.18 -5.82 -4.07
N TYR A 192 5.25 -7.11 -3.77
CA TYR A 192 5.75 -8.05 -4.76
C TYR A 192 4.74 -8.24 -5.87
N LEU A 193 5.18 -8.07 -7.12
CA LEU A 193 4.29 -8.16 -8.27
C LEU A 193 4.37 -9.47 -9.02
N GLY A 194 5.32 -10.33 -8.71
CA GLY A 194 5.63 -11.45 -9.57
C GLY A 194 6.79 -11.15 -10.50
N ASP A 195 7.32 -12.21 -11.11
CA ASP A 195 8.42 -12.11 -12.07
C ASP A 195 9.65 -11.42 -11.46
N GLY A 196 9.90 -11.63 -10.17
CA GLY A 196 11.01 -10.98 -9.51
C GLY A 196 10.92 -9.46 -9.44
N LEU A 197 9.73 -8.89 -9.63
CA LEU A 197 9.51 -7.45 -9.68
C LEU A 197 8.74 -6.98 -8.44
N PHE A 198 9.14 -5.83 -7.91
CA PHE A 198 8.55 -5.21 -6.72
C PHE A 198 8.10 -3.79 -7.05
N TYR A 199 6.98 -3.36 -6.47
CA TYR A 199 6.55 -1.97 -6.61
C TYR A 199 6.95 -1.22 -5.35
N GLY A 200 7.77 -0.17 -5.51
CA GLY A 200 8.08 0.72 -4.40
C GLY A 200 7.73 2.16 -4.76
N HIS A 201 6.85 2.78 -3.99
CA HIS A 201 6.48 4.15 -4.27
C HIS A 201 7.67 5.08 -4.05
N GLY A 202 7.91 5.98 -5.00
CA GLY A 202 9.09 6.80 -5.01
C GLY A 202 10.28 6.19 -5.73
N ILE A 203 10.27 4.87 -5.94
CA ILE A 203 11.32 4.17 -6.68
C ILE A 203 10.80 3.68 -8.02
N GLY A 204 9.80 2.82 -8.02
CA GLY A 204 9.20 2.34 -9.25
C GLY A 204 8.95 0.85 -9.19
N ILE A 205 8.90 0.20 -10.35
CA ILE A 205 8.87 -1.26 -10.47
C ILE A 205 10.30 -1.73 -10.67
N GLU A 206 10.88 -2.35 -9.66
CA GLU A 206 12.28 -2.78 -9.75
C GLU A 206 12.43 -4.16 -9.14
N THR A 207 13.47 -4.86 -9.58
CA THR A 207 13.88 -6.09 -8.94
C THR A 207 14.37 -5.80 -7.53
N ALA A 208 14.44 -6.86 -6.71
CA ALA A 208 14.95 -6.69 -5.36
C ALA A 208 16.38 -6.15 -5.36
N ASP A 209 17.14 -6.48 -6.42
CA ASP A 209 18.54 -6.06 -6.49
C ASP A 209 18.68 -4.56 -6.64
N SER A 210 17.93 -3.98 -7.58
CA SER A 210 17.98 -2.53 -7.74
C SER A 210 17.50 -1.81 -6.49
N ILE A 211 16.44 -2.33 -5.84
CA ILE A 211 15.95 -1.71 -4.61
C ILE A 211 17.03 -1.73 -3.54
N ILE A 212 17.63 -2.90 -3.33
CA ILE A 212 18.72 -3.01 -2.34
C ILE A 212 19.90 -2.14 -2.78
N ALA A 213 20.14 -2.04 -4.08
CA ALA A 213 21.21 -1.16 -4.55
C ALA A 213 20.88 0.29 -4.26
N ALA A 214 19.76 0.79 -4.79
CA ALA A 214 19.38 2.19 -4.63
C ALA A 214 19.39 2.63 -3.18
N LEU A 215 19.07 1.72 -2.25
CA LEU A 215 19.14 2.05 -0.83
C LEU A 215 20.59 2.10 -0.35
N ASN A 216 21.45 1.21 -0.87
CA ASN A 216 22.74 0.97 -0.24
C ASN A 216 23.71 2.14 -0.33
N ARG A 217 23.38 3.20 -1.05
CA ARG A 217 24.24 4.38 -1.03
C ARG A 217 23.78 5.47 -0.07
N ARG A 218 22.46 5.66 0.08
CA ARG A 218 22.03 6.71 0.99
C ARG A 218 22.30 6.24 2.41
N ARG A 219 23.56 5.92 2.66
CA ARG A 219 24.02 5.26 3.87
C ARG A 219 25.09 6.13 4.55
N LYS A 220 25.64 5.58 5.63
CA LYS A 220 26.67 6.21 6.45
C LYS A 220 27.87 6.66 5.61
N ALA A 223 29.80 2.45 5.21
CA ALA A 223 29.17 1.61 6.23
C ALA A 223 29.42 0.13 5.97
N THR A 224 29.03 -0.68 6.96
CA THR A 224 29.22 -2.12 6.91
C THR A 224 28.04 -2.85 6.26
N LYS A 225 26.84 -2.69 6.80
CA LYS A 225 25.70 -3.55 6.45
C LYS A 225 24.97 -3.03 5.23
N SER A 226 24.63 -3.96 4.33
CA SER A 226 23.81 -3.69 3.16
C SER A 226 22.33 -3.65 3.51
N ALA A 227 21.56 -2.97 2.67
CA ALA A 227 20.11 -3.08 2.77
C ALA A 227 19.69 -4.50 2.42
N TYR A 228 18.74 -5.03 3.17
CA TYR A 228 18.33 -6.42 3.01
C TYR A 228 16.82 -6.56 3.17
N LEU A 229 16.30 -7.68 2.67
CA LEU A 229 14.87 -7.97 2.71
C LEU A 229 14.52 -8.59 4.05
N LEU A 230 13.66 -7.92 4.81
CA LEU A 230 13.22 -8.48 6.07
C LEU A 230 12.48 -9.79 5.81
N PRO A 231 12.73 -10.84 6.59
CA PRO A 231 12.01 -12.11 6.44
C PRO A 231 10.60 -12.04 7.01
N HIS A 232 9.84 -11.04 6.58
CA HIS A 232 8.50 -10.77 7.10
C HIS A 232 7.55 -10.65 5.92
N ILE A 233 6.27 -10.97 6.17
CA ILE A 233 5.22 -10.85 5.16
C ILE A 233 4.06 -10.12 5.80
N THR A 234 3.64 -9.02 5.17
CA THR A 234 2.55 -8.20 5.67
C THR A 234 1.42 -8.26 4.67
N GLN A 235 0.19 -8.48 5.16
CA GLN A 235 -0.90 -8.79 4.24
C GLN A 235 -2.23 -8.62 4.97
N MET A 236 -3.27 -8.26 4.19
CA MET A 236 -4.61 -8.14 4.70
C MET A 236 -5.18 -9.52 5.09
N ASN A 237 -6.30 -9.49 5.81
CA ASN A 237 -6.98 -10.71 6.25
C ASN A 237 -7.99 -11.12 5.17
N PHE A 238 -7.54 -11.99 4.26
CA PHE A 238 -8.37 -12.44 3.13
C PHE A 238 -9.66 -13.10 3.61
N ALA A 239 -9.57 -13.98 4.60
CA ALA A 239 -10.76 -14.72 5.02
C ALA A 239 -11.82 -13.77 5.53
N TYR A 240 -11.44 -12.81 6.37
CA TYR A 240 -12.38 -11.80 6.82
C TYR A 240 -12.99 -11.05 5.62
N LEU A 241 -12.15 -10.55 4.72
CA LEU A 241 -12.66 -9.76 3.60
C LEU A 241 -13.48 -10.58 2.61
N SER A 242 -13.25 -11.89 2.55
CA SER A 242 -13.90 -12.71 1.53
C SER A 242 -15.43 -12.75 1.66
N GLN A 243 -15.97 -12.39 2.82
CA GLN A 243 -17.42 -12.44 3.00
C GLN A 243 -18.14 -11.28 2.31
N PHE A 244 -17.40 -10.31 1.79
CA PHE A 244 -18.02 -9.18 1.09
C PHE A 244 -17.76 -9.24 -0.41
N ALA A 245 -17.25 -10.36 -0.91
CA ALA A 245 -16.88 -10.48 -2.32
C ALA A 245 -18.07 -10.20 -3.24
N ARG A 246 -17.77 -9.55 -4.36
CA ARG A 246 -18.76 -9.40 -5.42
C ARG A 246 -19.12 -10.76 -6.00
N LEU A 247 -20.40 -10.93 -6.33
CA LEU A 247 -20.86 -12.15 -6.99
C LEU A 247 -20.68 -11.99 -8.49
N GLU A 248 -20.11 -12.99 -9.14
CA GLU A 248 -19.77 -12.89 -10.55
C GLU A 248 -20.61 -13.83 -11.41
#